data_7C96
#
_entry.id   7C96
#
_cell.length_a   69.547
_cell.length_b   69.547
_cell.length_c   153.480
_cell.angle_alpha   90.000
_cell.angle_beta   90.000
_cell.angle_gamma   120.000
#
_symmetry.space_group_name_H-M   'P 65 2 2'
#
loop_
_entity.id
_entity.type
_entity.pdbx_description
1 polymer 'RxLR effector protein Avh6'
2 polymer 'RING-type E3 ubiquitin transferase'
#
loop_
_entity_poly.entity_id
_entity_poly.type
_entity_poly.pdbx_seq_one_letter_code
_entity_poly.pdbx_strand_id
1 'polypeptide(L)' SNGLFGANTLSN(MSE)GKDTILRFQ(MSE)FTKWKANGYLPKKIKDDIPRSLYKAYKIHYR(MSE)N A
2 'polypeptide(L)'
;SHQAPVIPDDFRCPISLEL(MSE)KDPVIVSTGQTYERTCIEKWLQAGHGTCPKTQQTLTSTVLTPNYVLRSLIAQWCEA
N
;
B
#
# COMPACT_ATOMS: atom_id res chain seq x y z
N PHE A 5 21.76 -1.90 0.77
CA PHE A 5 20.60 -1.71 1.67
C PHE A 5 19.90 -3.04 1.87
N GLY A 6 20.60 -4.01 2.47
CA GLY A 6 20.03 -5.36 2.64
C GLY A 6 20.23 -6.09 1.33
N ALA A 7 21.23 -6.95 1.27
CA ALA A 7 21.55 -7.60 0.01
C ALA A 7 20.32 -8.29 -0.58
N ASN A 8 19.82 -9.31 0.12
CA ASN A 8 18.65 -10.03 -0.36
C ASN A 8 17.35 -9.42 0.15
N THR A 9 17.41 -8.53 1.14
CA THR A 9 16.21 -7.82 1.56
C THR A 9 15.59 -7.07 0.38
N LEU A 10 16.44 -6.47 -0.47
CA LEU A 10 15.94 -5.63 -1.56
C LEU A 10 15.23 -6.45 -2.64
N SER A 11 15.75 -7.63 -2.97
CA SER A 11 15.05 -8.47 -3.95
C SER A 11 13.69 -8.93 -3.41
N ASN A 12 13.62 -9.24 -2.11
CA ASN A 12 12.40 -9.72 -1.46
C ASN A 12 11.31 -8.65 -1.45
N GLY A 14 10.76 -6.75 -4.41
CA GLY A 14 10.13 -7.04 -5.69
C GLY A 14 9.21 -8.24 -5.62
N LYS A 15 9.43 -9.13 -4.66
CA LYS A 15 8.59 -10.32 -4.47
C LYS A 15 7.46 -10.02 -3.49
N ASP A 16 7.79 -9.70 -2.23
CA ASP A 16 6.80 -9.49 -1.18
C ASP A 16 6.39 -8.03 -1.12
N THR A 17 5.08 -7.80 -1.19
CA THR A 17 4.55 -6.44 -1.13
C THR A 17 4.46 -5.94 0.31
N ILE A 18 4.25 -6.86 1.25
CA ILE A 18 4.18 -6.51 2.67
C ILE A 18 5.53 -6.01 3.15
N LEU A 19 6.58 -6.79 2.92
CA LEU A 19 7.92 -6.36 3.29
C LEU A 19 8.27 -5.04 2.60
N ARG A 20 7.90 -4.91 1.32
CA ARG A 20 8.23 -3.71 0.56
C ARG A 20 7.57 -2.47 1.17
N PHE A 21 6.34 -2.62 1.64
CA PHE A 21 5.68 -1.50 2.31
C PHE A 21 6.34 -1.19 3.64
N GLN A 22 6.78 -2.21 4.39
CA GLN A 22 7.42 -1.95 5.66
C GLN A 22 8.68 -1.12 5.47
N PHE A 24 9.37 0.72 2.82
CA PHE A 24 8.99 2.03 2.33
C PHE A 24 8.63 2.97 3.48
N THR A 25 7.98 2.44 4.51
CA THR A 25 7.69 3.28 5.68
C THR A 25 8.97 3.67 6.40
N LYS A 26 10.00 2.82 6.34
CA LYS A 26 11.25 3.15 6.98
C LYS A 26 12.04 4.18 6.18
N TRP A 27 12.09 4.01 4.86
CA TRP A 27 12.75 5.00 4.00
C TRP A 27 12.08 6.37 4.10
N LYS A 28 10.75 6.39 4.15
CA LYS A 28 10.03 7.66 4.32
C LYS A 28 10.39 8.31 5.66
N ALA A 29 10.39 7.52 6.74
CA ALA A 29 10.64 8.09 8.05
C ALA A 29 11.99 8.80 8.13
N ASN A 30 12.97 8.34 7.34
CA ASN A 30 14.27 8.99 7.24
C ASN A 30 14.36 9.91 6.02
N GLY A 31 13.20 10.34 5.51
CA GLY A 31 13.06 11.32 4.45
C GLY A 31 14.07 11.20 3.33
N TYR A 32 14.15 10.00 2.75
CA TYR A 32 15.15 9.66 1.71
C TYR A 32 14.81 10.27 0.36
N LEU A 33 13.56 10.70 0.15
CA LEU A 33 13.03 11.38 -1.07
C LEU A 33 12.95 10.52 -2.33
N PRO A 34 12.26 10.99 -3.38
CA PRO A 34 12.23 10.26 -4.66
C PRO A 34 13.61 10.26 -5.33
N LYS A 35 14.18 11.44 -5.63
CA LYS A 35 15.35 11.51 -6.49
C LYS A 35 16.67 11.28 -5.76
N LYS A 36 16.69 11.37 -4.44
CA LYS A 36 17.98 11.23 -3.72
C LYS A 36 18.42 9.76 -3.71
N ILE A 37 17.47 8.84 -3.68
CA ILE A 37 17.77 7.41 -3.62
C ILE A 37 17.66 6.73 -4.98
N LYS A 38 17.09 7.40 -5.98
CA LYS A 38 17.05 6.88 -7.33
C LYS A 38 18.46 6.65 -7.84
N ASP A 39 18.61 5.66 -8.72
CA ASP A 39 19.92 5.20 -9.20
C ASP A 39 20.74 4.56 -8.09
N ASP A 40 20.12 4.26 -6.94
CA ASP A 40 20.68 3.34 -5.98
C ASP A 40 19.77 2.13 -5.81
N ILE A 41 18.62 2.12 -6.48
CA ILE A 41 17.64 1.04 -6.39
C ILE A 41 17.01 0.81 -7.76
N PRO A 42 16.43 -0.38 -7.98
CA PRO A 42 15.92 -0.73 -9.31
C PRO A 42 14.78 0.18 -9.78
N ARG A 43 14.62 0.23 -11.10
CA ARG A 43 13.64 1.13 -11.70
C ARG A 43 12.22 0.78 -11.27
N SER A 44 11.88 -0.51 -11.20
CA SER A 44 10.54 -0.91 -10.77
C SER A 44 10.31 -0.50 -9.32
N LEU A 45 11.29 -0.75 -8.47
CA LEU A 45 11.19 -0.38 -7.07
C LEU A 45 11.18 1.13 -6.86
N TYR A 46 11.78 1.89 -7.78
CA TYR A 46 11.77 3.35 -7.71
C TYR A 46 10.38 3.90 -8.06
N LYS A 47 9.84 3.47 -9.20
CA LYS A 47 8.51 3.93 -9.60
C LYS A 47 7.50 3.64 -8.50
N ALA A 48 7.68 2.55 -7.77
CA ALA A 48 6.80 2.29 -6.63
C ALA A 48 7.02 3.27 -5.49
N TYR A 49 8.28 3.50 -5.09
CA TYR A 49 8.55 4.41 -3.96
C TYR A 49 8.10 5.85 -4.25
N LYS A 50 8.22 6.27 -5.52
CA LYS A 50 7.66 7.55 -5.98
C LYS A 50 6.15 7.66 -5.67
N ILE A 51 5.42 6.55 -5.79
CA ILE A 51 3.99 6.59 -5.47
C ILE A 51 3.78 6.50 -3.96
N HIS A 52 4.59 5.69 -3.27
CA HIS A 52 4.49 5.59 -1.82
C HIS A 52 4.78 6.92 -1.12
N TYR A 53 5.79 7.66 -1.60
CA TYR A 53 6.08 8.96 -1.00
C TYR A 53 4.94 9.94 -1.23
N ARG A 54 4.36 9.90 -2.42
CA ARG A 54 3.29 10.86 -2.78
C ARG A 54 2.04 10.70 -1.91
N ASN A 56 1.72 8.28 0.97
CA ASN A 56 2.00 7.95 2.36
C ASN A 56 3.01 8.96 2.91
N PRO B 5 -3.25 6.56 -18.75
CA PRO B 5 -3.05 5.82 -17.49
C PRO B 5 -3.02 6.71 -16.23
N VAL B 6 -4.01 7.58 -16.07
CA VAL B 6 -3.97 8.63 -15.06
C VAL B 6 -4.82 8.19 -13.86
N ILE B 7 -4.21 7.45 -12.93
CA ILE B 7 -4.95 6.72 -11.90
C ILE B 7 -4.92 7.51 -10.60
N PRO B 8 -6.07 7.98 -10.09
CA PRO B 8 -6.08 8.78 -8.85
C PRO B 8 -5.59 7.96 -7.67
N ASP B 9 -4.79 8.60 -6.82
CA ASP B 9 -4.16 7.86 -5.73
C ASP B 9 -5.17 7.38 -4.70
N ASP B 10 -6.30 8.07 -4.58
CA ASP B 10 -7.29 7.65 -3.60
C ASP B 10 -7.79 6.24 -3.88
N PHE B 11 -7.71 5.83 -5.15
CA PHE B 11 -8.13 4.51 -5.57
C PHE B 11 -7.02 3.47 -5.41
N ARG B 12 -5.85 3.85 -4.92
CA ARG B 12 -4.75 2.91 -4.80
C ARG B 12 -4.67 2.37 -3.38
N CYS B 13 -4.32 1.10 -3.27
CA CYS B 13 -4.11 0.49 -1.97
C CYS B 13 -2.77 0.94 -1.40
N PRO B 14 -2.72 1.38 -0.14
CA PRO B 14 -1.44 1.78 0.44
C PRO B 14 -0.36 0.70 0.40
N ILE B 15 -0.73 -0.58 0.35
CA ILE B 15 0.28 -1.63 0.33
C ILE B 15 0.62 -2.06 -1.10
N SER B 16 -0.40 -2.35 -1.93
CA SER B 16 -0.12 -2.74 -3.31
C SER B 16 0.34 -1.57 -4.16
N LEU B 17 -0.07 -0.35 -3.81
CA LEU B 17 0.13 0.87 -4.59
C LEU B 17 -0.51 0.80 -5.97
N GLU B 18 -1.42 -0.15 -6.17
CA GLU B 18 -2.17 -0.31 -7.40
C GLU B 18 -3.64 -0.13 -7.12
N LEU B 19 -4.39 -0.08 -8.22
CA LEU B 19 -5.83 0.09 -8.16
C LEU B 19 -6.49 -1.03 -7.36
N LYS B 21 -9.23 -3.69 -6.47
CA LYS B 21 -10.27 -4.57 -6.99
C LYS B 21 -11.31 -4.93 -5.92
N ASP B 22 -10.86 -5.21 -4.68
CA ASP B 22 -11.70 -5.55 -3.53
C ASP B 22 -11.36 -4.68 -2.32
N PRO B 23 -11.68 -3.39 -2.34
CA PRO B 23 -11.36 -2.53 -1.19
C PRO B 23 -12.21 -2.85 0.04
N VAL B 24 -11.54 -3.01 1.19
CA VAL B 24 -12.18 -3.28 2.47
C VAL B 24 -11.68 -2.28 3.50
N ILE B 25 -12.51 -2.04 4.51
CA ILE B 25 -12.23 -1.05 5.53
C ILE B 25 -12.00 -1.76 6.86
N VAL B 26 -11.00 -1.29 7.61
CA VAL B 26 -10.68 -1.79 8.93
C VAL B 26 -11.17 -0.79 9.97
N SER B 27 -11.15 -1.20 11.25
CA SER B 27 -11.79 -0.47 12.34
C SER B 27 -11.30 0.96 12.51
N THR B 28 -10.13 1.29 11.96
CA THR B 28 -9.57 2.63 12.05
C THR B 28 -10.12 3.57 11.00
N GLY B 29 -10.85 3.05 10.00
CA GLY B 29 -11.34 3.83 8.88
C GLY B 29 -10.47 3.82 7.63
N GLN B 30 -9.40 3.03 7.61
CA GLN B 30 -8.50 3.00 6.46
C GLN B 30 -8.89 1.86 5.53
N THR B 31 -8.66 2.06 4.23
CA THR B 31 -9.11 1.13 3.21
C THR B 31 -7.91 0.47 2.53
N TYR B 32 -8.04 -0.83 2.30
CA TYR B 32 -6.95 -1.61 1.74
C TYR B 32 -7.52 -2.64 0.79
N GLU B 33 -6.65 -3.11 -0.09
CA GLU B 33 -6.99 -4.24 -0.92
C GLU B 33 -7.14 -5.45 -0.01
N ARG B 34 -8.19 -6.24 -0.21
CA ARG B 34 -8.42 -7.37 0.68
C ARG B 34 -7.21 -8.31 0.75
N THR B 35 -6.63 -8.71 -0.39
CA THR B 35 -5.54 -9.67 -0.28
C THR B 35 -4.37 -9.09 0.52
N CYS B 36 -4.17 -7.77 0.48
CA CYS B 36 -3.01 -7.18 1.14
C CYS B 36 -3.18 -7.14 2.63
N ILE B 37 -4.32 -6.64 3.08
CA ILE B 37 -4.57 -6.58 4.51
C ILE B 37 -4.73 -7.97 5.10
N GLU B 38 -5.28 -8.91 4.33
CA GLU B 38 -5.39 -10.27 4.82
C GLU B 38 -4.02 -10.88 5.08
N LYS B 39 -3.04 -10.63 4.21
CA LYS B 39 -1.68 -11.09 4.45
C LYS B 39 -1.08 -10.41 5.67
N TRP B 40 -1.38 -9.13 5.88
CA TRP B 40 -0.81 -8.41 7.01
C TRP B 40 -1.33 -8.95 8.34
N LEU B 41 -2.61 -9.32 8.40
CA LEU B 41 -3.16 -9.96 9.60
C LEU B 41 -2.72 -11.42 9.70
N GLN B 42 -2.41 -12.06 8.57
CA GLN B 42 -1.92 -13.43 8.65
C GLN B 42 -0.53 -13.48 9.23
N ALA B 43 0.30 -12.44 8.97
CA ALA B 43 1.69 -12.33 9.44
C ALA B 43 1.79 -11.95 10.94
N GLY B 44 0.65 -11.95 11.62
CA GLY B 44 0.55 -11.76 13.05
C GLY B 44 0.29 -10.34 13.50
N HIS B 45 0.43 -9.36 12.61
CA HIS B 45 0.24 -7.96 13.01
C HIS B 45 -1.21 -7.70 13.40
N GLY B 46 -1.41 -6.83 14.40
CA GLY B 46 -2.74 -6.46 14.80
C GLY B 46 -2.93 -4.95 14.72
N THR B 47 -2.35 -4.38 13.67
CA THR B 47 -2.17 -2.94 13.60
C THR B 47 -2.65 -2.46 12.23
N CYS B 48 -3.21 -1.26 12.21
CA CYS B 48 -3.51 -0.64 10.93
C CYS B 48 -2.19 -0.33 10.25
N PRO B 49 -1.92 -0.86 9.07
CA PRO B 49 -0.61 -0.60 8.45
C PRO B 49 -0.30 0.88 8.34
N LYS B 50 -1.24 1.68 7.85
CA LYS B 50 -0.97 3.07 7.53
C LYS B 50 -0.75 3.91 8.77
N THR B 51 -1.52 3.64 9.83
CA THR B 51 -1.55 4.50 11.01
C THR B 51 -0.88 3.90 12.24
N GLN B 52 -0.45 2.63 12.18
CA GLN B 52 0.19 1.89 13.28
C GLN B 52 -0.77 1.77 14.46
N GLN B 53 -1.92 2.41 14.34
CA GLN B 53 -2.96 2.34 15.36
C GLN B 53 -3.39 0.89 15.50
N THR B 54 -3.43 0.41 16.74
CA THR B 54 -3.79 -0.99 16.97
C THR B 54 -5.28 -1.17 16.72
N LEU B 55 -5.64 -2.30 16.11
CA LEU B 55 -7.02 -2.54 15.71
C LEU B 55 -7.89 -2.97 16.89
N THR B 56 -9.17 -2.63 16.82
CA THR B 56 -10.18 -3.06 17.79
C THR B 56 -11.07 -4.19 17.28
N SER B 57 -10.89 -4.64 16.04
CA SER B 57 -11.66 -5.73 15.44
C SER B 57 -10.83 -6.29 14.30
N THR B 58 -11.07 -7.54 13.94
CA THR B 58 -10.48 -8.11 12.73
C THR B 58 -11.43 -8.05 11.54
N VAL B 59 -12.69 -7.67 11.77
CA VAL B 59 -13.65 -7.58 10.69
C VAL B 59 -13.13 -6.65 9.60
N LEU B 60 -13.04 -7.17 8.39
CA LEU B 60 -12.93 -6.42 7.16
C LEU B 60 -14.32 -6.23 6.57
N THR B 61 -14.66 -5.00 6.23
CA THR B 61 -15.92 -4.63 5.67
C THR B 61 -15.72 -4.07 4.27
N PRO B 62 -16.41 -4.61 3.27
CA PRO B 62 -16.28 -4.06 1.92
C PRO B 62 -16.68 -2.59 1.86
N ASN B 63 -15.95 -1.80 1.08
CA ASN B 63 -16.22 -0.37 0.94
C ASN B 63 -16.98 -0.17 -0.37
N TYR B 64 -18.28 -0.46 -0.34
CA TYR B 64 -19.07 -0.54 -1.56
C TYR B 64 -19.10 0.79 -2.29
N VAL B 65 -19.20 1.90 -1.57
CA VAL B 65 -19.30 3.16 -2.28
C VAL B 65 -18.01 3.47 -3.03
N LEU B 66 -16.89 2.99 -2.49
CA LEU B 66 -15.61 3.18 -3.20
C LEU B 66 -15.59 2.23 -4.39
N ARG B 67 -16.09 1.02 -4.21
CA ARG B 67 -16.15 0.03 -5.31
C ARG B 67 -16.94 0.66 -6.44
N SER B 68 -18.00 1.40 -6.11
CA SER B 68 -18.79 2.10 -7.11
C SER B 68 -17.96 3.18 -7.81
N LEU B 69 -17.25 4.00 -7.04
CA LEU B 69 -16.46 5.09 -7.61
C LEU B 69 -15.34 4.57 -8.51
N ILE B 70 -14.68 3.49 -8.08
CA ILE B 70 -13.67 2.87 -8.92
C ILE B 70 -14.31 2.32 -10.19
N ALA B 71 -15.43 1.60 -10.06
CA ALA B 71 -16.06 1.01 -11.23
C ALA B 71 -16.53 2.07 -12.21
N GLN B 72 -17.05 3.19 -11.71
CA GLN B 72 -17.40 4.30 -12.57
C GLN B 72 -16.16 4.85 -13.29
N TRP B 73 -15.07 5.08 -12.54
CA TRP B 73 -13.85 5.58 -13.14
C TRP B 73 -13.24 4.60 -14.14
N CYS B 74 -13.50 3.31 -13.98
CA CYS B 74 -12.94 2.33 -14.90
C CYS B 74 -13.63 2.38 -16.26
N GLU B 75 -14.95 2.54 -16.28
CA GLU B 75 -15.67 2.52 -17.55
C GLU B 75 -15.45 3.80 -18.36
N ALA B 76 -15.25 4.95 -17.70
CA ALA B 76 -14.89 6.15 -18.44
C ALA B 76 -13.54 5.99 -19.14
N ASN B 77 -12.55 5.45 -18.44
CA ASN B 77 -11.20 5.26 -18.99
C ASN B 77 -10.76 3.79 -18.96
#